data_6V7H
#
_entry.id   6V7H
#
_cell.length_a   45.300
_cell.length_b   106.695
_cell.length_c   47.865
_cell.angle_alpha   90.000
_cell.angle_beta   101.640
_cell.angle_gamma   90.000
#
_symmetry.space_group_name_H-M   'P 1 21 1'
#
loop_
_entity.id
_entity.type
_entity.pdbx_description
1 polymer Beta-lactamase
2 non-polymer Vaborbactam
3 non-polymer '2-[(3~{R},6~{S})-2,2-bis(oxidanyl)-3-(2-thiophen-2-ylethanoylamino)-1-oxa-2-boranuidacyclohex-6-yl]ethanoic acid'
4 non-polymer 'PHOSPHATE ION'
5 non-polymer 'POTASSIUM ION'
6 water water
#
_entity_poly.entity_id   1
_entity_poly.type   'polypeptide(L)'
_entity_poly.pdbx_seq_one_letter_code
;(PCA)TSAVQQKLAALEKSSGGRLGVALIDTADNTQVLYRGDERFPMCSTSKVMAAAAVLKQSETQKQLLNQPVEIKPAD
LVNYNPIAEKHVNGTMTLAELSAAALQYSDNTAMNKLIAQLGGPGGVTAFARAIGDETFRLDRTEPTLNTAIPGDPRDTT
TPRAMAQTLRQLTLGHALGETQRAQLVTWLKGNTTGAASIRAGLPTSWTVGDKTGSGDYGTTNDIAVIWPQGRAPLVLVT
YFTQPQQNAESRRDVLASAARIIAEGL
;
_entity_poly.pdbx_strand_id   A,B
#
# COMPACT_ATOMS: atom_id res chain seq x y z
N THR A 2 19.96 -9.17 27.53
CA THR A 2 19.45 -8.09 26.72
C THR A 2 20.46 -7.84 25.59
N SER A 3 20.01 -7.98 24.35
CA SER A 3 20.87 -7.80 23.20
C SER A 3 20.94 -6.32 22.80
N ALA A 4 21.86 -6.03 21.88
CA ALA A 4 21.96 -4.67 21.35
C ALA A 4 20.66 -4.27 20.66
N VAL A 5 20.05 -5.19 19.91
CA VAL A 5 18.80 -4.89 19.24
C VAL A 5 17.71 -4.58 20.26
N GLN A 6 17.62 -5.39 21.32
CA GLN A 6 16.61 -5.15 22.34
C GLN A 6 16.82 -3.80 23.03
N GLN A 7 18.08 -3.42 23.26
CA GLN A 7 18.36 -2.13 23.87
C GLN A 7 17.92 -0.97 22.98
N LYS A 8 18.14 -1.10 21.68
CA LYS A 8 17.69 -0.07 20.74
C LYS A 8 16.16 0.01 20.70
N LEU A 9 15.49 -1.13 20.70
CA LEU A 9 14.02 -1.12 20.74
C LEU A 9 13.51 -0.47 22.03
N ALA A 10 14.20 -0.70 23.16
CA ALA A 10 13.80 -0.05 24.40
C ALA A 10 13.99 1.47 24.32
N ALA A 11 15.07 1.92 23.68
CA ALA A 11 15.28 3.36 23.52
C ALA A 11 14.21 3.97 22.62
N LEU A 12 13.88 3.30 21.52
CA LEU A 12 12.78 3.76 20.67
C LEU A 12 11.49 3.85 21.47
N GLU A 13 11.19 2.81 22.22
CA GLU A 13 9.96 2.80 23.02
C GLU A 13 9.95 3.96 24.00
N LYS A 14 11.07 4.18 24.70
CA LYS A 14 11.12 5.25 25.68
C LYS A 14 10.82 6.60 25.04
N SER A 15 11.40 6.86 23.88
CA SER A 15 11.18 8.13 23.20
C SER A 15 9.73 8.28 22.74
N SER A 16 9.07 7.17 22.42
CA SER A 16 7.73 7.16 21.86
C SER A 16 6.65 7.46 22.89
N GLY A 17 6.94 7.21 24.17
CA GLY A 17 5.96 7.34 25.24
C GLY A 17 4.97 6.20 25.36
N GLY A 18 4.98 5.23 24.44
CA GLY A 18 4.02 4.15 24.46
C GLY A 18 4.65 2.82 24.85
N ARG A 19 4.00 1.75 24.43
CA ARG A 19 4.40 0.38 24.73
C ARG A 19 4.53 -0.36 23.41
N LEU A 20 5.71 -0.92 23.16
CA LEU A 20 6.08 -1.55 21.90
C LEU A 20 6.32 -3.04 22.13
N GLY A 21 5.78 -3.85 21.22
CA GLY A 21 6.00 -5.28 21.23
C GLY A 21 6.48 -5.74 19.87
N VAL A 22 7.56 -6.54 19.86
CA VAL A 22 8.18 -6.98 18.62
C VAL A 22 8.47 -8.48 18.70
N ALA A 23 8.21 -9.19 17.61
CA ALA A 23 8.71 -10.55 17.48
C ALA A 23 9.15 -10.78 16.05
N LEU A 24 10.40 -11.20 15.90
CA LEU A 24 10.99 -11.61 14.64
C LEU A 24 11.25 -13.12 14.68
N ILE A 25 10.94 -13.79 13.58
CA ILE A 25 11.48 -15.12 13.30
C ILE A 25 12.29 -15.01 12.02
N ASP A 26 13.56 -15.39 12.08
CA ASP A 26 14.41 -15.43 10.90
C ASP A 26 14.44 -16.89 10.44
N THR A 27 13.80 -17.18 9.30
CA THR A 27 13.77 -18.57 8.86
C THR A 27 15.11 -19.03 8.27
N ALA A 28 16.13 -18.16 8.21
CA ALA A 28 17.47 -18.62 7.83
C ALA A 28 18.02 -19.60 8.86
N ASP A 29 17.64 -19.46 10.13
CA ASP A 29 18.14 -20.30 11.22
C ASP A 29 17.10 -20.59 12.28
N ASN A 30 15.87 -20.12 12.11
CA ASN A 30 14.75 -20.27 13.03
C ASN A 30 14.94 -19.49 14.32
N THR A 31 15.90 -18.58 14.37
CA THR A 31 16.10 -17.79 15.57
C THR A 31 15.06 -16.69 15.66
N GLN A 32 14.94 -16.18 16.89
CA GLN A 32 13.93 -15.20 17.22
C GLN A 32 14.55 -14.03 17.94
N VAL A 33 13.96 -12.85 17.70
CA VAL A 33 14.26 -11.66 18.47
C VAL A 33 12.92 -11.16 19.00
N LEU A 34 12.84 -10.97 20.32
CA LEU A 34 11.61 -10.55 20.97
C LEU A 34 11.85 -9.31 21.82
N TYR A 35 10.85 -8.43 21.85
CA TYR A 35 10.80 -7.29 22.75
C TYR A 35 9.38 -7.24 23.29
N ARG A 36 9.21 -7.40 24.60
CA ARG A 36 7.88 -7.58 25.19
C ARG A 36 7.12 -8.69 24.46
N GLY A 37 7.84 -9.76 24.12
CA GLY A 37 7.29 -10.76 23.23
C GLY A 37 6.17 -11.60 23.83
N ASP A 38 6.07 -11.63 25.16
CA ASP A 38 5.03 -12.38 25.84
C ASP A 38 4.03 -11.47 26.53
N GLU A 39 4.06 -10.17 26.28
CA GLU A 39 3.01 -9.27 26.75
C GLU A 39 1.86 -9.24 25.76
N ARG A 40 0.66 -9.00 26.28
CA ARG A 40 -0.52 -8.91 25.44
C ARG A 40 -0.71 -7.51 24.86
N PHE A 41 -1.16 -7.48 23.62
CA PHE A 41 -1.48 -6.26 22.90
C PHE A 41 -2.81 -6.45 22.17
N PRO A 42 -3.59 -5.37 22.01
CA PRO A 42 -4.81 -5.47 21.20
C PRO A 42 -4.45 -5.60 19.73
N MET A 43 -4.99 -6.63 19.08
CA MET A 43 -4.63 -6.91 17.69
C MET A 43 -5.22 -5.92 16.70
N CYS A 44 -6.41 -5.42 16.99
CA CYS A 44 -7.15 -4.57 16.05
C CYS A 44 -7.20 -5.27 14.69
N SER A 45 -7.04 -4.52 13.60
CA SER A 45 -7.31 -5.09 12.28
C SER A 45 -6.29 -6.14 11.86
N THR A 46 -5.19 -6.34 12.60
CA THR A 46 -4.32 -7.45 12.27
C THR A 46 -5.01 -8.80 12.48
N SER A 47 -6.08 -8.84 13.28
CA SER A 47 -6.88 -10.04 13.48
C SER A 47 -7.55 -10.53 12.20
N LYS A 48 -7.66 -9.66 11.19
CA LYS A 48 -8.28 -10.04 9.93
C LYS A 48 -7.52 -11.18 9.25
N VAL A 49 -6.21 -11.31 9.50
CA VAL A 49 -5.47 -12.43 8.93
C VAL A 49 -6.01 -13.76 9.46
N MET A 50 -6.23 -13.87 10.77
N MET A 50 -6.26 -13.84 10.75
CA MET A 50 -6.71 -15.13 11.32
CA MET A 50 -6.71 -15.11 11.32
C MET A 50 -8.08 -15.48 10.79
C MET A 50 -8.11 -15.47 10.84
N ALA A 51 -8.97 -14.48 10.67
CA ALA A 51 -10.31 -14.75 10.16
C ALA A 51 -10.28 -15.22 8.71
N ALA A 52 -9.52 -14.53 7.86
CA ALA A 52 -9.42 -14.96 6.48
C ALA A 52 -8.81 -16.34 6.37
N ALA A 53 -7.77 -16.61 7.18
CA ALA A 53 -7.12 -17.92 7.13
C ALA A 53 -8.08 -19.01 7.57
N ALA A 54 -8.94 -18.73 8.55
CA ALA A 54 -9.88 -19.74 9.02
C ALA A 54 -10.88 -20.10 7.93
N VAL A 55 -11.31 -19.10 7.14
CA VAL A 55 -12.18 -19.37 6.00
C VAL A 55 -11.42 -20.14 4.92
N LEU A 56 -10.15 -19.78 4.66
CA LEU A 56 -9.36 -20.58 3.75
C LEU A 56 -9.30 -22.04 4.19
N LYS A 57 -9.11 -22.29 5.49
CA LYS A 57 -9.10 -23.67 5.97
C LYS A 57 -10.43 -24.37 5.67
N GLN A 58 -11.56 -23.71 5.92
CA GLN A 58 -12.84 -24.29 5.57
C GLN A 58 -12.91 -24.63 4.09
N SER A 59 -12.32 -23.77 3.25
CA SER A 59 -12.43 -23.95 1.81
C SER A 59 -11.64 -25.16 1.32
N GLU A 60 -10.75 -25.72 2.14
CA GLU A 60 -10.00 -26.89 1.71
C GLU A 60 -10.90 -28.08 1.43
N THR A 61 -12.06 -28.15 2.10
CA THR A 61 -13.00 -29.24 1.91
C THR A 61 -14.26 -28.81 1.14
N GLN A 62 -14.27 -27.59 0.61
CA GLN A 62 -15.41 -27.05 -0.16
C GLN A 62 -14.86 -26.21 -1.30
N LYS A 63 -14.74 -26.82 -2.48
CA LYS A 63 -14.12 -26.19 -3.63
C LYS A 63 -14.83 -24.91 -4.05
N GLN A 64 -16.12 -24.78 -3.76
CA GLN A 64 -16.89 -23.61 -4.15
C GLN A 64 -17.12 -22.61 -3.02
N LEU A 65 -16.56 -22.84 -1.84
CA LEU A 65 -16.86 -21.95 -0.72
C LEU A 65 -16.47 -20.51 -1.02
N LEU A 66 -15.29 -20.30 -1.58
CA LEU A 66 -14.83 -18.93 -1.79
C LEU A 66 -15.67 -18.20 -2.83
N ASN A 67 -16.44 -18.92 -3.65
CA ASN A 67 -17.35 -18.32 -4.60
C ASN A 67 -18.76 -18.12 -4.05
N GLN A 68 -19.00 -18.49 -2.79
N GLN A 68 -18.99 -18.47 -2.79
CA GLN A 68 -20.34 -18.39 -2.24
CA GLN A 68 -20.34 -18.39 -2.23
C GLN A 68 -20.69 -16.94 -1.98
C GLN A 68 -20.70 -16.93 -1.95
N PRO A 69 -21.87 -16.48 -2.42
CA PRO A 69 -22.27 -15.09 -2.14
C PRO A 69 -22.78 -14.92 -0.72
N VAL A 70 -22.52 -13.74 -0.17
CA VAL A 70 -22.98 -13.32 1.14
C VAL A 70 -23.70 -11.99 0.96
N GLU A 71 -24.92 -11.89 1.47
CA GLU A 71 -25.70 -10.67 1.36
C GLU A 71 -25.11 -9.55 2.21
N ILE A 72 -25.04 -8.35 1.64
CA ILE A 72 -24.64 -7.14 2.35
C ILE A 72 -25.87 -6.25 2.42
N LYS A 73 -26.32 -5.93 3.63
CA LYS A 73 -27.48 -5.09 3.83
C LYS A 73 -27.06 -3.74 4.38
N PRO A 74 -27.89 -2.70 4.22
CA PRO A 74 -27.54 -1.39 4.78
C PRO A 74 -27.14 -1.45 6.26
N ALA A 75 -27.83 -2.27 7.05
CA ALA A 75 -27.56 -2.37 8.48
C ALA A 75 -26.20 -3.00 8.77
N ASP A 76 -25.58 -3.65 7.80
CA ASP A 76 -24.30 -4.30 8.03
C ASP A 76 -23.13 -3.33 7.99
N LEU A 77 -23.33 -2.15 7.43
CA LEU A 77 -22.23 -1.20 7.38
C LEU A 77 -21.91 -0.71 8.78
N VAL A 78 -20.60 -0.58 9.05
CA VAL A 78 -20.10 -0.07 10.32
C VAL A 78 -19.30 1.21 10.05
N ASN A 79 -18.10 1.33 10.61
CA ASN A 79 -17.37 2.60 10.61
C ASN A 79 -16.32 2.70 9.51
N TYR A 80 -16.03 1.62 8.80
CA TYR A 80 -15.02 1.66 7.76
C TYR A 80 -15.30 0.49 6.83
N ASN A 81 -15.89 0.81 5.66
N ASN A 81 -15.82 0.77 5.67
CA ASN A 81 -16.48 -0.17 4.77
CA ASN A 81 -16.25 -0.33 4.82
C ASN A 81 -16.26 0.21 3.31
C ASN A 81 -16.24 0.19 3.39
N PRO A 82 -15.06 0.55 2.88
CA PRO A 82 -14.97 1.14 1.54
C PRO A 82 -15.36 0.19 0.43
N ILE A 83 -15.16 -1.11 0.61
CA ILE A 83 -15.55 -2.06 -0.42
C ILE A 83 -16.99 -2.50 -0.22
N ALA A 84 -17.36 -2.89 0.99
CA ALA A 84 -18.70 -3.43 1.22
C ALA A 84 -19.80 -2.43 0.90
N GLU A 85 -19.57 -1.12 1.11
CA GLU A 85 -20.67 -0.21 0.86
C GLU A 85 -21.06 -0.17 -0.62
N LYS A 86 -20.14 -0.56 -1.51
CA LYS A 86 -20.47 -0.62 -2.95
C LYS A 86 -21.40 -1.79 -3.27
N HIS A 87 -21.56 -2.74 -2.35
CA HIS A 87 -22.37 -3.95 -2.55
C HIS A 87 -23.58 -4.01 -1.63
N VAL A 88 -23.96 -2.93 -0.98
N VAL A 88 -23.96 -2.95 -0.95
CA VAL A 88 -25.18 -2.92 -0.17
CA VAL A 88 -25.14 -3.02 -0.11
C VAL A 88 -26.39 -3.25 -1.05
C VAL A 88 -26.37 -3.21 -0.98
N ASN A 89 -27.30 -4.04 -0.49
CA ASN A 89 -28.44 -4.59 -1.23
C ASN A 89 -28.00 -5.55 -2.33
N GLY A 90 -26.76 -5.98 -2.29
CA GLY A 90 -26.22 -6.99 -3.18
C GLY A 90 -25.46 -8.02 -2.37
N THR A 91 -24.44 -8.61 -2.99
CA THR A 91 -23.68 -9.67 -2.37
C THR A 91 -22.20 -9.47 -2.66
N MET A 92 -21.37 -10.12 -1.83
CA MET A 92 -19.94 -10.31 -2.09
C MET A 92 -19.63 -11.77 -1.83
N THR A 93 -18.72 -12.35 -2.63
CA THR A 93 -18.32 -13.72 -2.34
C THR A 93 -17.36 -13.75 -1.15
N LEU A 94 -17.17 -14.95 -0.59
CA LEU A 94 -16.22 -15.08 0.51
C LEU A 94 -14.80 -14.73 0.08
N ALA A 95 -14.41 -15.00 -1.17
CA ALA A 95 -13.11 -14.51 -1.65
C ALA A 95 -13.09 -12.99 -1.67
N GLU A 96 -14.14 -12.36 -2.18
CA GLU A 96 -14.18 -10.90 -2.22
C GLU A 96 -14.11 -10.30 -0.82
N LEU A 97 -14.80 -10.93 0.14
CA LEU A 97 -14.80 -10.44 1.51
C LEU A 97 -13.41 -10.60 2.13
N SER A 98 -12.75 -11.72 1.85
CA SER A 98 -11.40 -11.94 2.35
C SER A 98 -10.44 -10.91 1.79
N ALA A 99 -10.49 -10.69 0.47
CA ALA A 99 -9.61 -9.71 -0.15
C ALA A 99 -9.87 -8.31 0.39
N ALA A 100 -11.15 -7.94 0.56
CA ALA A 100 -11.47 -6.62 1.07
C ALA A 100 -10.99 -6.43 2.50
N ALA A 101 -11.21 -7.45 3.34
CA ALA A 101 -10.77 -7.37 4.73
C ALA A 101 -9.26 -7.25 4.82
N LEU A 102 -8.54 -8.03 4.02
CA LEU A 102 -7.09 -8.05 4.13
C LEU A 102 -6.43 -6.86 3.46
N GLN A 103 -6.85 -6.53 2.24
CA GLN A 103 -6.11 -5.57 1.42
C GLN A 103 -6.59 -4.14 1.61
N TYR A 104 -7.84 -3.99 2.03
CA TYR A 104 -8.46 -2.66 2.27
C TYR A 104 -8.85 -2.50 3.72
N SER A 105 -8.71 -3.52 4.57
CA SER A 105 -9.06 -3.41 6.00
C SER A 105 -10.55 -3.13 6.19
N ASP A 106 -11.41 -3.61 5.30
CA ASP A 106 -12.86 -3.38 5.39
C ASP A 106 -13.44 -4.13 6.60
N ASN A 107 -14.12 -3.37 7.48
CA ASN A 107 -14.68 -3.95 8.71
C ASN A 107 -15.97 -4.72 8.48
N THR A 108 -16.82 -4.29 7.53
CA THR A 108 -18.00 -5.09 7.22
C THR A 108 -17.57 -6.45 6.66
N ALA A 109 -16.56 -6.46 5.80
CA ALA A 109 -16.05 -7.71 5.27
C ALA A 109 -15.56 -8.62 6.39
N MET A 110 -14.79 -8.06 7.33
CA MET A 110 -14.36 -8.84 8.49
C MET A 110 -15.55 -9.43 9.23
N ASN A 111 -16.60 -8.63 9.47
CA ASN A 111 -17.75 -9.18 10.18
C ASN A 111 -18.38 -10.35 9.43
N LYS A 112 -18.40 -10.32 8.10
CA LYS A 112 -18.93 -11.47 7.37
C LYS A 112 -18.04 -12.69 7.51
N LEU A 113 -16.71 -12.51 7.55
CA LEU A 113 -15.82 -13.65 7.80
C LEU A 113 -16.08 -14.22 9.18
N ILE A 114 -16.19 -13.36 10.19
CA ILE A 114 -16.46 -13.83 11.55
C ILE A 114 -17.77 -14.61 11.59
N ALA A 115 -18.81 -14.09 10.92
CA ALA A 115 -20.10 -14.77 10.93
C ALA A 115 -20.03 -16.13 10.24
N GLN A 116 -19.25 -16.23 9.15
CA GLN A 116 -19.08 -17.50 8.46
C GLN A 116 -18.44 -18.54 9.37
N LEU A 117 -17.68 -18.09 10.36
CA LEU A 117 -17.00 -18.97 11.30
C LEU A 117 -17.80 -19.19 12.58
N GLY A 118 -19.01 -18.65 12.67
CA GLY A 118 -19.85 -18.84 13.83
C GLY A 118 -19.62 -17.86 14.96
N GLY A 119 -18.97 -16.75 14.70
CA GLY A 119 -18.72 -15.72 15.68
C GLY A 119 -17.25 -15.65 16.05
N PRO A 120 -16.89 -14.68 16.91
CA PRO A 120 -15.48 -14.48 17.26
C PRO A 120 -14.81 -15.76 17.74
N GLY A 121 -15.52 -16.57 18.52
CA GLY A 121 -14.97 -17.81 19.03
C GLY A 121 -14.60 -18.81 17.94
N GLY A 122 -15.22 -18.72 16.77
CA GLY A 122 -14.80 -19.57 15.67
C GLY A 122 -13.42 -19.22 15.15
N VAL A 123 -13.06 -17.93 15.23
CA VAL A 123 -11.71 -17.51 14.87
C VAL A 123 -10.72 -18.04 15.91
N THR A 124 -11.06 -17.90 17.20
CA THR A 124 -10.21 -18.44 18.25
C THR A 124 -10.04 -19.96 18.09
N ALA A 125 -11.12 -20.66 17.78
CA ALA A 125 -11.04 -22.11 17.62
C ALA A 125 -10.06 -22.48 16.51
N PHE A 126 -10.07 -21.74 15.40
CA PHE A 126 -9.12 -22.01 14.33
C PHE A 126 -7.68 -21.79 14.81
N ALA A 127 -7.45 -20.69 15.54
CA ALA A 127 -6.12 -20.45 16.11
C ALA A 127 -5.66 -21.65 16.93
N ARG A 128 -6.54 -22.16 17.79
CA ARG A 128 -6.17 -23.31 18.62
C ARG A 128 -5.85 -24.52 17.74
N ALA A 129 -6.63 -24.72 16.67
CA ALA A 129 -6.41 -25.87 15.80
C ALA A 129 -5.06 -25.84 15.13
N ILE A 130 -4.48 -24.67 14.92
CA ILE A 130 -3.18 -24.55 14.27
C ILE A 130 -2.07 -24.26 15.28
N GLY A 131 -2.32 -24.52 16.57
CA GLY A 131 -1.26 -24.50 17.56
C GLY A 131 -1.07 -23.22 18.32
N ASP A 132 -1.96 -22.24 18.16
CA ASP A 132 -1.85 -20.95 18.82
C ASP A 132 -2.80 -20.96 20.02
N GLU A 133 -2.23 -21.06 21.22
CA GLU A 133 -2.96 -21.09 22.48
C GLU A 133 -3.13 -19.71 23.09
N THR A 134 -2.69 -18.66 22.39
CA THR A 134 -2.62 -17.31 22.95
C THR A 134 -3.66 -16.37 22.36
N PHE A 135 -3.82 -16.41 21.04
CA PHE A 135 -4.77 -15.56 20.33
C PHE A 135 -6.16 -15.70 20.93
N ARG A 136 -6.88 -14.59 21.03
CA ARG A 136 -8.32 -14.65 21.31
C ARG A 136 -9.03 -13.53 20.59
N LEU A 137 -10.13 -13.89 19.92
CA LEU A 137 -11.06 -12.91 19.38
C LEU A 137 -12.36 -13.05 20.15
N ASP A 138 -12.84 -11.94 20.68
CA ASP A 138 -13.99 -11.92 21.58
C ASP A 138 -15.15 -11.10 21.06
N ARG A 139 -14.91 -10.17 20.15
CA ARG A 139 -15.92 -9.25 19.67
C ARG A 139 -15.83 -9.12 18.15
N THR A 140 -16.88 -8.54 17.59
CA THR A 140 -16.96 -8.20 16.18
C THR A 140 -16.44 -6.77 15.96
N GLU A 141 -16.44 -6.33 14.68
CA GLU A 141 -16.16 -4.94 14.34
C GLU A 141 -17.40 -4.10 14.61
N PRO A 142 -17.24 -2.87 15.12
CA PRO A 142 -15.96 -2.18 15.36
C PRO A 142 -15.41 -2.33 16.78
N THR A 143 -16.17 -2.93 17.70
CA THR A 143 -15.78 -2.85 19.11
C THR A 143 -14.52 -3.64 19.44
N LEU A 144 -14.08 -4.56 18.57
CA LEU A 144 -12.85 -5.30 18.87
C LEU A 144 -11.63 -4.39 18.88
N ASN A 145 -11.74 -3.12 18.47
CA ASN A 145 -10.63 -2.17 18.44
C ASN A 145 -10.59 -1.19 19.62
N THR A 146 -11.37 -1.42 20.68
CA THR A 146 -11.36 -0.47 21.79
C THR A 146 -9.98 -0.38 22.44
N ALA A 147 -9.22 -1.47 22.45
CA ALA A 147 -7.79 -1.45 22.79
C ALA A 147 -7.49 -0.89 24.18
N ILE A 148 -8.38 -1.18 25.12
CA ILE A 148 -8.26 -0.60 26.47
C ILE A 148 -7.08 -1.24 27.19
N PRO A 149 -6.18 -0.46 27.79
CA PRO A 149 -5.06 -1.08 28.51
C PRO A 149 -5.56 -2.06 29.55
N GLY A 150 -4.92 -3.24 29.61
CA GLY A 150 -5.27 -4.24 30.58
C GLY A 150 -6.42 -5.15 30.20
N ASP A 151 -7.14 -4.82 29.14
CA ASP A 151 -8.29 -5.64 28.71
C ASP A 151 -7.77 -6.83 27.93
N PRO A 152 -8.09 -8.07 28.32
CA PRO A 152 -7.61 -9.23 27.56
C PRO A 152 -8.36 -9.47 26.26
N ARG A 153 -9.51 -8.85 26.06
CA ARG A 153 -10.31 -9.17 24.88
C ARG A 153 -9.56 -8.79 23.61
N ASP A 154 -9.62 -9.65 22.59
CA ASP A 154 -9.14 -9.31 21.26
C ASP A 154 -7.64 -9.01 21.28
N THR A 155 -6.88 -9.80 22.03
CA THR A 155 -5.45 -9.64 22.18
C THR A 155 -4.69 -10.90 21.77
N THR A 156 -3.39 -10.71 21.52
CA THR A 156 -2.43 -11.79 21.44
C THR A 156 -1.09 -11.26 21.91
N THR A 157 -0.07 -12.10 21.84
CA THR A 157 1.30 -11.67 22.12
C THR A 157 2.10 -11.62 20.82
N PRO A 158 3.16 -10.80 20.78
CA PRO A 158 4.00 -10.79 19.56
C PRO A 158 4.54 -12.19 19.23
N ARG A 159 5.04 -12.91 20.23
CA ARG A 159 5.60 -14.23 19.98
C ARG A 159 4.58 -15.14 19.32
N ALA A 160 3.37 -15.18 19.87
CA ALA A 160 2.37 -16.10 19.33
C ALA A 160 1.98 -15.73 17.92
N MET A 161 1.81 -14.43 17.65
N MET A 161 1.81 -14.42 17.65
CA MET A 161 1.36 -14.04 16.33
CA MET A 161 1.35 -14.04 16.32
C MET A 161 2.43 -14.28 15.29
C MET A 161 2.43 -14.23 15.27
N ALA A 162 3.70 -14.06 15.62
CA ALA A 162 4.76 -14.34 14.66
C ALA A 162 4.80 -15.82 14.32
N GLN A 163 4.70 -16.68 15.34
CA GLN A 163 4.71 -18.12 15.08
C GLN A 163 3.55 -18.52 14.19
N THR A 164 2.36 -18.01 14.50
CA THR A 164 1.18 -18.35 13.71
C THR A 164 1.30 -17.82 12.29
N LEU A 165 1.76 -16.58 12.14
CA LEU A 165 1.90 -16.04 10.78
C LEU A 165 2.90 -16.85 9.97
N ARG A 166 3.98 -17.31 10.61
CA ARG A 166 4.91 -18.20 9.92
C ARG A 166 4.22 -19.46 9.44
N GLN A 167 3.47 -20.12 10.34
CA GLN A 167 2.85 -21.38 9.97
C GLN A 167 1.82 -21.20 8.85
N LEU A 168 1.12 -20.07 8.85
CA LEU A 168 0.10 -19.80 7.85
C LEU A 168 0.70 -19.53 6.48
N THR A 169 1.79 -18.78 6.42
CA THR A 169 2.30 -18.25 5.16
C THR A 169 3.49 -19.00 4.59
N LEU A 170 4.30 -19.61 5.45
CA LEU A 170 5.51 -20.32 5.03
C LEU A 170 5.47 -21.79 5.41
N GLY A 171 4.68 -22.16 6.41
CA GLY A 171 4.51 -23.51 6.86
C GLY A 171 3.28 -24.16 6.26
N HIS A 172 2.73 -25.13 7.00
CA HIS A 172 1.70 -26.01 6.46
C HIS A 172 0.41 -25.99 7.29
N ALA A 173 0.12 -24.87 7.95
CA ALA A 173 -1.15 -24.74 8.63
C ALA A 173 -2.32 -24.77 7.64
N LEU A 174 -2.10 -24.28 6.42
CA LEU A 174 -3.06 -24.31 5.34
C LEU A 174 -2.55 -25.24 4.24
N GLY A 175 -3.48 -25.70 3.40
CA GLY A 175 -3.09 -26.40 2.19
C GLY A 175 -2.31 -25.51 1.26
N GLU A 176 -1.64 -26.13 0.29
CA GLU A 176 -0.70 -25.40 -0.56
C GLU A 176 -1.37 -24.26 -1.32
N THR A 177 -2.51 -24.57 -1.97
N THR A 177 -2.52 -24.53 -1.96
CA THR A 177 -3.24 -23.57 -2.72
CA THR A 177 -3.13 -23.46 -2.74
C THR A 177 -3.67 -22.42 -1.82
C THR A 177 -3.71 -22.39 -1.83
N GLN A 178 -4.16 -22.75 -0.63
CA GLN A 178 -4.67 -21.76 0.31
C GLN A 178 -3.55 -20.88 0.87
N ARG A 179 -2.41 -21.48 1.20
CA ARG A 179 -1.25 -20.71 1.63
C ARG A 179 -0.86 -19.71 0.55
N ALA A 180 -0.82 -20.17 -0.71
CA ALA A 180 -0.44 -19.29 -1.81
C ALA A 180 -1.44 -18.14 -1.95
N GLN A 181 -2.74 -18.44 -1.77
CA GLN A 181 -3.75 -17.39 -1.83
C GLN A 181 -3.56 -16.37 -0.71
N LEU A 182 -3.28 -16.84 0.50
CA LEU A 182 -3.06 -15.91 1.61
C LEU A 182 -1.85 -15.02 1.34
N VAL A 183 -0.76 -15.62 0.85
CA VAL A 183 0.43 -14.84 0.52
C VAL A 183 0.13 -13.81 -0.56
N THR A 184 -0.58 -14.22 -1.62
CA THR A 184 -0.95 -13.27 -2.66
C THR A 184 -1.75 -12.10 -2.08
N TRP A 185 -2.71 -12.40 -1.21
CA TRP A 185 -3.51 -11.32 -0.63
C TRP A 185 -2.62 -10.37 0.19
N LEU A 186 -1.77 -10.92 1.05
CA LEU A 186 -0.93 -10.07 1.90
C LEU A 186 0.03 -9.22 1.07
N LYS A 187 0.60 -9.80 0.00
CA LYS A 187 1.52 -9.05 -0.85
C LYS A 187 0.82 -7.91 -1.59
N GLY A 188 -0.49 -8.02 -1.81
CA GLY A 188 -1.28 -6.98 -2.44
C GLY A 188 -1.92 -6.00 -1.48
N ASN A 189 -1.52 -6.02 -0.21
CA ASN A 189 -2.06 -5.06 0.74
C ASN A 189 -1.87 -3.64 0.24
N THR A 190 -2.85 -2.76 0.47
CA THR A 190 -2.76 -1.36 0.10
C THR A 190 -2.33 -0.45 1.25
N THR A 191 -2.36 -0.92 2.51
CA THR A 191 -2.29 -0.02 3.65
C THR A 191 -0.93 0.01 4.35
N GLY A 192 0.09 -0.67 3.83
CA GLY A 192 1.27 -0.98 4.62
C GLY A 192 2.53 -0.16 4.40
N ALA A 193 2.56 0.77 3.44
CA ALA A 193 3.83 1.36 3.06
C ALA A 193 4.46 2.27 4.12
N ALA A 194 3.69 2.72 5.11
CA ALA A 194 4.22 3.58 6.17
C ALA A 194 4.65 2.80 7.40
N SER A 195 4.43 1.49 7.43
CA SER A 195 4.59 0.71 8.64
C SER A 195 5.90 -0.13 8.54
N ILE A 196 5.86 -1.44 8.73
CA ILE A 196 7.11 -2.23 8.71
C ILE A 196 7.89 -1.97 7.44
N ARG A 197 7.24 -1.94 6.28
N ARG A 197 7.19 -1.96 6.28
CA ARG A 197 8.07 -1.87 5.08
CA ARG A 197 7.79 -1.74 4.96
C ARG A 197 8.75 -0.51 4.91
C ARG A 197 8.73 -0.54 4.96
N ALA A 198 8.30 0.55 5.59
CA ALA A 198 9.04 1.80 5.55
C ALA A 198 10.38 1.73 6.25
N GLY A 199 10.58 0.74 7.11
CA GLY A 199 11.86 0.57 7.77
C GLY A 199 12.83 -0.39 7.12
N LEU A 200 12.46 -0.99 5.99
CA LEU A 200 13.23 -2.06 5.36
C LEU A 200 13.86 -1.58 4.05
N PRO A 201 14.94 -2.23 3.61
CA PRO A 201 15.51 -1.89 2.30
C PRO A 201 14.48 -2.01 1.20
N THR A 202 14.58 -1.09 0.23
CA THR A 202 13.54 -0.94 -0.76
C THR A 202 13.49 -2.13 -1.73
N SER A 203 14.55 -2.94 -1.80
CA SER A 203 14.57 -4.09 -2.68
C SER A 203 13.83 -5.29 -2.12
N TRP A 204 13.50 -5.28 -0.84
CA TRP A 204 12.86 -6.43 -0.23
C TRP A 204 11.37 -6.41 -0.53
N THR A 205 10.77 -7.60 -0.54
N THR A 205 10.75 -7.59 -0.57
CA THR A 205 9.33 -7.75 -0.77
CA THR A 205 9.31 -7.67 -0.79
C THR A 205 8.64 -8.04 0.55
C THR A 205 8.62 -8.06 0.51
N VAL A 206 7.47 -7.44 0.74
CA VAL A 206 6.71 -7.56 1.98
C VAL A 206 5.27 -7.90 1.66
N GLY A 207 4.69 -8.78 2.47
CA GLY A 207 3.25 -8.92 2.56
C GLY A 207 2.86 -8.65 3.99
N ASP A 208 1.83 -7.83 4.24
CA ASP A 208 1.56 -7.44 5.61
C ASP A 208 0.08 -7.15 5.81
N LYS A 209 -0.29 -7.07 7.09
CA LYS A 209 -1.60 -6.60 7.52
C LYS A 209 -1.42 -5.62 8.66
N THR A 210 -1.95 -4.42 8.50
CA THR A 210 -1.91 -3.35 9.50
C THR A 210 -3.12 -3.42 10.43
N GLY A 211 -3.05 -2.62 11.49
CA GLY A 211 -4.25 -2.31 12.27
C GLY A 211 -4.10 -1.01 13.00
N SER A 212 -5.24 -0.34 13.19
N SER A 212 -5.23 -0.34 13.21
CA SER A 212 -5.38 0.91 13.92
CA SER A 212 -5.29 0.93 13.94
C SER A 212 -6.49 0.74 14.94
C SER A 212 -6.49 0.93 14.87
N GLY A 213 -6.28 1.25 16.14
CA GLY A 213 -7.35 1.24 17.12
C GLY A 213 -7.28 2.42 18.07
N ASP A 214 -8.18 2.40 19.06
CA ASP A 214 -8.12 3.40 20.10
C ASP A 214 -6.80 3.22 20.88
N TYR A 215 -6.53 4.17 21.79
CA TYR A 215 -5.26 4.21 22.51
C TYR A 215 -4.09 4.33 21.52
N GLY A 216 -4.35 4.97 20.39
CA GLY A 216 -3.30 5.15 19.40
C GLY A 216 -2.67 3.84 18.98
N THR A 217 -3.43 2.76 19.01
CA THR A 217 -2.87 1.45 18.75
C THR A 217 -2.56 1.35 17.27
N THR A 218 -1.31 0.98 16.98
CA THR A 218 -0.75 1.01 15.64
C THR A 218 0.04 -0.28 15.48
N ASN A 219 -0.43 -1.17 14.60
CA ASN A 219 0.10 -2.52 14.51
C ASN A 219 0.44 -2.88 13.06
N ASP A 220 1.32 -3.85 12.90
CA ASP A 220 1.60 -4.42 11.59
C ASP A 220 2.18 -5.81 11.81
N ILE A 221 1.75 -6.76 10.99
CA ILE A 221 2.30 -8.11 10.98
C ILE A 221 2.68 -8.43 9.55
N ALA A 222 3.89 -8.95 9.35
CA ALA A 222 4.45 -9.06 8.01
C ALA A 222 5.24 -10.33 7.79
N VAL A 223 5.20 -10.79 6.54
N VAL A 223 5.18 -10.80 6.56
CA VAL A 223 6.13 -11.78 6.02
CA VAL A 223 6.15 -11.75 6.02
C VAL A 223 7.01 -11.09 4.98
C VAL A 223 7.02 -10.95 5.07
N ILE A 224 8.32 -11.22 5.13
CA ILE A 224 9.31 -10.43 4.42
C ILE A 224 10.23 -11.37 3.66
N TRP A 225 10.47 -11.06 2.39
CA TRP A 225 11.40 -11.80 1.54
C TRP A 225 12.56 -10.86 1.26
N PRO A 226 13.62 -10.88 2.07
CA PRO A 226 14.75 -10.00 1.83
C PRO A 226 15.54 -10.44 0.62
N GLN A 227 16.25 -9.49 0.03
CA GLN A 227 17.20 -9.82 -1.01
C GLN A 227 18.30 -10.68 -0.41
N GLY A 228 18.51 -11.86 -0.98
CA GLY A 228 19.67 -12.67 -0.68
C GLY A 228 19.57 -13.59 0.52
N ARG A 229 18.42 -13.66 1.20
N ARG A 229 18.43 -13.68 1.19
CA ARG A 229 18.33 -14.54 2.35
CA ARG A 229 18.34 -14.58 2.33
C ARG A 229 16.91 -15.05 2.51
C ARG A 229 16.91 -15.05 2.51
N ALA A 230 16.76 -16.01 3.40
CA ALA A 230 15.50 -16.67 3.64
C ALA A 230 14.49 -15.71 4.24
N PRO A 231 13.20 -16.02 4.13
CA PRO A 231 12.16 -15.10 4.62
C PRO A 231 12.22 -14.87 6.12
N LEU A 232 11.68 -13.73 6.50
CA LEU A 232 11.49 -13.32 7.89
C LEU A 232 10.00 -13.18 8.16
N VAL A 233 9.62 -13.36 9.42
CA VAL A 233 8.28 -13.00 9.89
C VAL A 233 8.48 -11.97 10.99
N LEU A 234 7.76 -10.85 10.92
CA LEU A 234 7.94 -9.77 11.88
C LEU A 234 6.59 -9.21 12.30
N VAL A 235 6.39 -9.16 13.62
N VAL A 235 6.38 -9.12 13.60
CA VAL A 235 5.23 -8.54 14.26
CA VAL A 235 5.19 -8.50 14.15
C VAL A 235 5.72 -7.30 15.00
C VAL A 235 5.61 -7.34 15.05
N THR A 236 5.01 -6.18 14.81
CA THR A 236 5.27 -4.96 15.56
C THR A 236 3.93 -4.42 16.03
N TYR A 237 3.77 -4.33 17.35
N TYR A 237 3.72 -4.43 17.35
CA TYR A 237 2.55 -3.87 17.99
CA TYR A 237 2.54 -3.83 17.96
C TYR A 237 2.89 -2.66 18.86
C TYR A 237 2.95 -2.59 18.75
N PHE A 238 2.03 -1.63 18.84
CA PHE A 238 2.32 -0.40 19.58
C PHE A 238 1.01 0.16 20.12
N THR A 239 1.01 0.53 21.40
CA THR A 239 -0.19 1.09 22.00
C THR A 239 0.22 2.15 23.02
N GLN A 240 -0.67 3.09 23.28
CA GLN A 240 -0.34 4.32 23.99
C GLN A 240 -1.29 4.56 25.14
N PRO A 241 -0.93 5.44 26.09
CA PRO A 241 -1.71 5.51 27.34
C PRO A 241 -3.03 6.25 27.25
N GLN A 242 -3.23 7.13 26.27
CA GLN A 242 -4.44 7.94 26.17
C GLN A 242 -5.34 7.41 25.08
N GLN A 243 -6.65 7.37 25.37
CA GLN A 243 -7.62 6.77 24.46
C GLN A 243 -7.59 7.44 23.08
N ASN A 244 -7.38 8.75 23.04
N ASN A 244 -7.40 8.75 23.02
CA ASN A 244 -7.44 9.53 21.81
CA ASN A 244 -7.44 9.47 21.77
C ASN A 244 -6.08 9.70 21.14
C ASN A 244 -6.05 9.75 21.19
N ALA A 245 -5.05 8.96 21.56
CA ALA A 245 -3.73 9.11 20.97
C ALA A 245 -3.75 8.91 19.45
N GLU A 246 -2.81 9.59 18.79
CA GLU A 246 -2.68 9.53 17.35
C GLU A 246 -1.92 8.29 16.90
N SER A 247 -2.19 7.86 15.67
N SER A 247 -2.17 7.88 15.65
CA SER A 247 -1.45 6.75 15.08
CA SER A 247 -1.45 6.77 15.05
C SER A 247 0.03 7.07 14.98
C SER A 247 0.04 7.07 14.95
N ARG A 248 0.86 6.04 15.12
CA ARG A 248 2.32 6.19 15.09
C ARG A 248 2.96 5.09 14.21
N ARG A 249 2.60 5.09 12.93
N ARG A 249 2.60 5.10 12.92
CA ARG A 249 3.19 4.09 12.03
CA ARG A 249 3.17 4.11 12.01
C ARG A 249 4.70 4.25 11.93
C ARG A 249 4.68 4.26 11.90
N ASP A 250 5.19 5.48 12.11
CA ASP A 250 6.64 5.70 12.08
C ASP A 250 7.36 4.88 13.15
N VAL A 251 6.73 4.62 14.29
CA VAL A 251 7.37 3.81 15.33
C VAL A 251 7.55 2.38 14.85
N LEU A 252 6.55 1.86 14.12
CA LEU A 252 6.69 0.52 13.55
C LEU A 252 7.81 0.47 12.52
N ALA A 253 7.88 1.48 11.66
CA ALA A 253 8.98 1.57 10.70
C ALA A 253 10.32 1.61 11.42
N SER A 254 10.39 2.36 12.52
CA SER A 254 11.64 2.46 13.27
C SER A 254 12.02 1.12 13.89
N ALA A 255 11.04 0.39 14.41
CA ALA A 255 11.31 -0.93 14.97
C ALA A 255 11.81 -1.88 13.89
N ALA A 256 11.17 -1.86 12.72
CA ALA A 256 11.61 -2.71 11.63
C ALA A 256 13.03 -2.36 11.18
N ARG A 257 13.37 -1.07 11.17
CA ARG A 257 14.71 -0.65 10.77
C ARG A 257 15.76 -1.19 11.74
N ILE A 258 15.47 -1.12 13.04
CA ILE A 258 16.37 -1.69 14.05
C ILE A 258 16.54 -3.18 13.83
N ILE A 259 15.44 -3.89 13.58
CA ILE A 259 15.50 -5.33 13.35
C ILE A 259 16.36 -5.63 12.13
N ALA A 260 16.14 -4.89 11.03
CA ALA A 260 16.88 -5.15 9.80
C ALA A 260 18.36 -4.87 9.98
N GLU A 261 18.70 -3.80 10.71
CA GLU A 261 20.10 -3.46 10.94
C GLU A 261 20.79 -4.50 11.83
N GLY A 262 20.03 -5.27 12.60
CA GLY A 262 20.58 -6.29 13.47
C GLY A 262 20.81 -7.63 12.83
N LEU A 263 20.34 -7.84 11.61
CA LEU A 263 20.61 -9.09 10.90
C LEU A 263 22.06 -9.12 10.43
N ALA B 4 -3.47 31.94 2.34
CA ALA B 4 -3.20 31.12 3.52
C ALA B 4 -2.52 29.82 3.12
N VAL B 5 -3.15 29.09 2.19
CA VAL B 5 -2.58 27.84 1.72
C VAL B 5 -1.20 28.08 1.11
N GLN B 6 -1.01 29.23 0.46
CA GLN B 6 0.29 29.54 -0.13
C GLN B 6 1.35 29.74 0.94
N GLN B 7 1.02 30.47 2.01
CA GLN B 7 1.96 30.62 3.11
C GLN B 7 2.40 29.24 3.61
N LYS B 8 1.45 28.34 3.78
CA LYS B 8 1.76 27.07 4.40
C LYS B 8 2.61 26.17 3.51
N LEU B 9 2.33 26.14 2.20
CA LEU B 9 3.13 25.32 1.30
C LEU B 9 4.55 25.86 1.19
N ALA B 10 4.70 27.19 1.13
CA ALA B 10 6.04 27.77 1.06
C ALA B 10 6.83 27.44 2.32
N ALA B 11 6.17 27.48 3.47
CA ALA B 11 6.85 27.18 4.73
C ALA B 11 7.26 25.71 4.80
N LEU B 12 6.38 24.81 4.35
CA LEU B 12 6.75 23.40 4.30
C LEU B 12 7.96 23.20 3.40
N GLU B 13 7.93 23.82 2.22
CA GLU B 13 9.07 23.69 1.31
C GLU B 13 10.34 24.19 1.98
N LYS B 14 10.30 25.35 2.62
CA LYS B 14 11.50 25.92 3.24
C LYS B 14 12.05 24.98 4.30
N SER B 15 11.17 24.42 5.14
N SER B 15 11.16 24.41 5.12
CA SER B 15 11.63 23.50 6.17
CA SER B 15 11.57 23.50 6.18
C SER B 15 12.30 22.28 5.55
C SER B 15 12.19 22.22 5.62
N SER B 16 11.74 21.80 4.44
CA SER B 16 12.24 20.58 3.80
C SER B 16 13.60 20.72 3.16
N GLY B 17 14.01 21.94 2.81
CA GLY B 17 15.25 22.16 2.10
C GLY B 17 15.22 21.89 0.62
N GLY B 18 14.09 21.41 0.08
CA GLY B 18 14.01 21.05 -1.32
C GLY B 18 13.09 21.92 -2.14
N ARG B 19 12.56 21.35 -3.21
CA ARG B 19 11.73 22.04 -4.18
C ARG B 19 10.44 21.23 -4.31
N LEU B 20 9.32 21.85 -3.97
CA LEU B 20 8.01 21.22 -3.89
C LEU B 20 7.11 21.76 -5.00
N GLY B 21 6.41 20.85 -5.68
CA GLY B 21 5.44 21.20 -6.69
C GLY B 21 4.10 20.57 -6.35
N VAL B 22 3.05 21.38 -6.36
CA VAL B 22 1.71 20.93 -6.01
C VAL B 22 0.73 21.42 -7.05
N ALA B 23 -0.18 20.54 -7.46
CA ALA B 23 -1.35 20.96 -8.22
C ALA B 23 -2.55 20.16 -7.76
N LEU B 24 -3.56 20.86 -7.28
CA LEU B 24 -4.85 20.32 -6.91
C LEU B 24 -5.89 20.79 -7.92
N ILE B 25 -6.77 19.88 -8.32
CA ILE B 25 -8.03 20.22 -8.96
C ILE B 25 -9.14 19.70 -8.07
N ASP B 26 -10.04 20.58 -7.63
CA ASP B 26 -11.23 20.16 -6.89
C ASP B 26 -12.35 20.07 -7.92
N THR B 27 -12.78 18.86 -8.25
CA THR B 27 -13.79 18.70 -9.30
C THR B 27 -15.19 19.11 -8.85
N ALA B 28 -15.37 19.44 -7.56
CA ALA B 28 -16.66 19.98 -7.14
C ALA B 28 -16.97 21.29 -7.84
N ASP B 29 -15.93 22.08 -8.13
CA ASP B 29 -16.15 23.44 -8.62
C ASP B 29 -15.02 23.91 -9.54
N ASN B 30 -14.11 23.02 -9.93
CA ASN B 30 -12.99 23.30 -10.82
C ASN B 30 -11.97 24.26 -10.23
N THR B 31 -12.01 24.51 -8.91
CA THR B 31 -10.98 25.33 -8.32
C THR B 31 -9.67 24.56 -8.25
N GLN B 32 -8.59 25.33 -8.10
CA GLN B 32 -7.24 24.79 -8.11
C GLN B 32 -6.41 25.42 -7.01
N VAL B 33 -5.43 24.66 -6.56
CA VAL B 33 -4.34 25.18 -5.73
C VAL B 33 -3.06 24.76 -6.42
N LEU B 34 -2.19 25.73 -6.68
CA LEU B 34 -0.94 25.50 -7.41
C LEU B 34 0.21 26.05 -6.59
N TYR B 35 1.31 25.31 -6.57
CA TYR B 35 2.55 25.77 -5.95
C TYR B 35 3.67 25.25 -6.83
N ARG B 36 4.42 26.16 -7.46
CA ARG B 36 5.37 25.78 -8.52
C ARG B 36 4.68 24.91 -9.56
N GLY B 37 3.42 25.26 -9.86
CA GLY B 37 2.60 24.42 -10.71
C GLY B 37 3.05 24.37 -12.16
N ASP B 38 3.83 25.34 -12.61
CA ASP B 38 4.32 25.36 -13.99
C ASP B 38 5.81 25.05 -14.10
N GLU B 39 6.46 24.67 -13.00
CA GLU B 39 7.84 24.22 -13.08
C GLU B 39 7.89 22.74 -13.46
N ARG B 40 8.93 22.37 -14.19
CA ARG B 40 9.18 20.97 -14.51
C ARG B 40 9.81 20.24 -13.32
N PHE B 41 9.36 19.01 -13.12
CA PHE B 41 9.88 18.10 -12.12
C PHE B 41 10.11 16.75 -12.77
N PRO B 42 11.12 16.00 -12.33
CA PRO B 42 11.31 14.63 -12.83
C PRO B 42 10.18 13.75 -12.32
N MET B 43 9.48 13.09 -13.24
CA MET B 43 8.31 12.29 -12.88
C MET B 43 8.68 10.99 -12.16
N CYS B 44 9.81 10.41 -12.52
CA CYS B 44 10.19 9.09 -12.04
C CYS B 44 9.03 8.12 -12.23
N SER B 45 8.76 7.25 -11.25
CA SER B 45 7.82 6.16 -11.47
C SER B 45 6.38 6.63 -11.62
N THR B 46 6.08 7.91 -11.35
CA THR B 46 4.73 8.40 -11.66
C THR B 46 4.43 8.35 -13.15
N SER B 47 5.46 8.31 -13.99
CA SER B 47 5.28 8.20 -15.44
C SER B 47 4.64 6.87 -15.84
N LYS B 48 4.65 5.88 -14.95
CA LYS B 48 4.05 4.58 -15.26
C LYS B 48 2.55 4.72 -15.53
N VAL B 49 1.89 5.73 -14.97
CA VAL B 49 0.47 5.96 -15.27
C VAL B 49 0.28 6.23 -16.76
N MET B 50 1.09 7.12 -17.33
N MET B 50 1.12 7.08 -17.34
CA MET B 50 0.92 7.46 -18.74
CA MET B 50 0.93 7.45 -18.73
C MET B 50 1.18 6.24 -19.62
C MET B 50 1.25 6.29 -19.67
N ALA B 51 2.20 5.44 -19.29
CA ALA B 51 2.51 4.27 -20.11
C ALA B 51 1.38 3.25 -20.07
N ALA B 52 0.86 2.96 -18.87
CA ALA B 52 -0.25 2.02 -18.76
C ALA B 52 -1.48 2.54 -19.47
N ALA B 53 -1.77 3.84 -19.32
CA ALA B 53 -2.92 4.43 -19.98
C ALA B 53 -2.78 4.36 -21.50
N ALA B 54 -1.58 4.54 -22.02
CA ALA B 54 -1.37 4.47 -23.46
C ALA B 54 -1.67 3.07 -23.99
N VAL B 55 -1.27 2.04 -23.24
CA VAL B 55 -1.58 0.67 -23.63
C VAL B 55 -3.09 0.41 -23.53
N LEU B 56 -3.74 0.94 -22.48
CA LEU B 56 -5.20 0.84 -22.42
C LEU B 56 -5.84 1.46 -23.66
N LYS B 57 -5.38 2.65 -24.08
CA LYS B 57 -5.96 3.25 -25.28
C LYS B 57 -5.74 2.36 -26.49
N GLN B 58 -4.55 1.76 -26.63
CA GLN B 58 -4.33 0.85 -27.75
C GLN B 58 -5.34 -0.30 -27.72
N SER B 59 -5.65 -0.81 -26.53
CA SER B 59 -6.55 -1.95 -26.39
C SER B 59 -7.99 -1.62 -26.74
N GLU B 60 -8.33 -0.33 -26.90
CA GLU B 60 -9.67 0.02 -27.38
C GLU B 60 -9.89 -0.44 -28.81
N THR B 61 -8.83 -0.57 -29.61
CA THR B 61 -8.96 -1.01 -31.00
C THR B 61 -8.25 -2.32 -31.30
N GLN B 62 -7.22 -2.70 -30.55
CA GLN B 62 -6.61 -4.03 -30.59
C GLN B 62 -7.24 -4.79 -29.42
N LYS B 63 -8.37 -5.45 -29.67
CA LYS B 63 -9.27 -5.80 -28.57
C LYS B 63 -8.76 -6.90 -27.65
N GLN B 64 -7.84 -7.73 -28.10
CA GLN B 64 -7.25 -8.76 -27.26
C GLN B 64 -5.85 -8.38 -26.77
N LEU B 65 -5.45 -7.11 -26.95
CA LEU B 65 -4.07 -6.73 -26.67
C LEU B 65 -3.68 -7.01 -25.23
N LEU B 66 -4.58 -6.73 -24.27
CA LEU B 66 -4.18 -6.86 -22.87
C LEU B 66 -3.87 -8.30 -22.48
N ASN B 67 -4.37 -9.29 -23.21
CA ASN B 67 -4.09 -10.67 -22.89
C ASN B 67 -2.93 -11.25 -23.69
N GLN B 68 -2.23 -10.42 -24.45
CA GLN B 68 -1.11 -10.89 -25.26
C GLN B 68 0.07 -11.25 -24.35
N PRO B 69 0.63 -12.45 -24.47
CA PRO B 69 1.82 -12.78 -23.68
C PRO B 69 3.05 -12.05 -24.19
N VAL B 70 3.89 -11.67 -23.25
CA VAL B 70 5.14 -10.97 -23.51
C VAL B 70 6.25 -11.74 -22.80
N GLU B 71 7.31 -12.07 -23.55
CA GLU B 71 8.42 -12.81 -22.97
C GLU B 71 9.18 -11.96 -21.97
N ILE B 72 9.53 -12.57 -20.84
CA ILE B 72 10.40 -11.96 -19.82
C ILE B 72 11.68 -12.78 -19.80
N LYS B 73 12.80 -12.18 -20.23
CA LYS B 73 14.07 -12.88 -20.25
C LYS B 73 14.94 -12.44 -19.09
N PRO B 74 15.87 -13.30 -18.64
CA PRO B 74 16.79 -12.87 -17.56
C PRO B 74 17.47 -11.55 -17.87
N ALA B 75 17.87 -11.32 -19.11
CA ALA B 75 18.58 -10.11 -19.46
C ALA B 75 17.69 -8.86 -19.41
N ASP B 76 16.37 -9.04 -19.32
CA ASP B 76 15.46 -7.91 -19.25
C ASP B 76 15.39 -7.29 -17.87
N LEU B 77 15.76 -8.03 -16.83
CA LEU B 77 15.59 -7.51 -15.47
C LEU B 77 16.52 -6.32 -15.26
N VAL B 78 16.01 -5.30 -14.59
CA VAL B 78 16.75 -4.11 -14.26
C VAL B 78 16.89 -4.02 -12.74
N ASN B 79 16.69 -2.84 -12.16
CA ASN B 79 17.05 -2.60 -10.76
C ASN B 79 15.92 -2.83 -9.76
N TYR B 80 14.70 -3.04 -10.22
CA TYR B 80 13.57 -3.17 -9.30
C TYR B 80 12.48 -3.94 -10.05
N ASN B 81 12.40 -5.23 -9.77
CA ASN B 81 11.58 -6.14 -10.56
C ASN B 81 10.80 -7.09 -9.65
N PRO B 82 10.04 -6.56 -8.69
CA PRO B 82 9.42 -7.42 -7.69
C PRO B 82 8.45 -8.44 -8.25
N ILE B 83 7.79 -8.14 -9.37
CA ILE B 83 6.88 -9.07 -10.01
C ILE B 83 7.55 -9.81 -11.16
N ALA B 84 8.26 -9.08 -12.03
CA ALA B 84 8.81 -9.70 -13.23
C ALA B 84 9.83 -10.78 -12.91
N GLU B 85 10.55 -10.66 -11.79
CA GLU B 85 11.54 -11.68 -11.47
C GLU B 85 10.89 -13.04 -11.26
N LYS B 86 9.61 -13.09 -10.89
CA LYS B 86 8.92 -14.36 -10.72
C LYS B 86 8.61 -15.04 -12.05
N HIS B 87 8.68 -14.30 -13.15
CA HIS B 87 8.21 -14.78 -14.46
C HIS B 87 9.32 -14.84 -15.50
N VAL B 88 10.56 -14.68 -15.06
N VAL B 88 10.56 -14.67 -15.07
CA VAL B 88 11.70 -14.84 -15.95
CA VAL B 88 11.66 -14.78 -16.03
C VAL B 88 11.64 -16.20 -16.63
C VAL B 88 11.65 -16.18 -16.63
N ASN B 89 12.08 -16.25 -17.89
CA ASN B 89 12.02 -17.48 -18.69
C ASN B 89 10.58 -17.95 -18.87
N GLY B 90 9.66 -17.01 -18.82
CA GLY B 90 8.25 -17.25 -19.09
C GLY B 90 7.67 -15.99 -19.68
N THR B 91 6.37 -15.81 -19.50
CA THR B 91 5.66 -14.69 -20.07
C THR B 91 4.76 -14.04 -19.03
N MET B 92 4.43 -12.77 -19.29
CA MET B 92 3.37 -12.04 -18.60
C MET B 92 2.53 -11.35 -19.66
N THR B 93 1.23 -11.18 -19.39
CA THR B 93 0.41 -10.46 -20.35
C THR B 93 0.58 -8.95 -20.16
N LEU B 94 0.15 -8.19 -21.16
CA LEU B 94 0.21 -6.73 -21.02
C LEU B 94 -0.65 -6.21 -19.88
N ALA B 95 -1.80 -6.85 -19.59
CA ALA B 95 -2.56 -6.48 -18.39
C ALA B 95 -1.74 -6.72 -17.13
N GLU B 96 -1.09 -7.89 -17.05
CA GLU B 96 -0.29 -8.21 -15.87
C GLU B 96 0.89 -7.26 -15.72
N LEU B 97 1.50 -6.87 -16.84
CA LEU B 97 2.59 -5.91 -16.81
C LEU B 97 2.11 -4.53 -16.37
N SER B 98 0.94 -4.13 -16.83
CA SER B 98 0.37 -2.85 -16.42
C SER B 98 0.10 -2.85 -14.91
N ALA B 99 -0.52 -3.91 -14.40
CA ALA B 99 -0.79 -4.00 -12.98
C ALA B 99 0.50 -3.99 -12.17
N ALA B 100 1.51 -4.73 -12.64
CA ALA B 100 2.78 -4.77 -11.91
C ALA B 100 3.46 -3.40 -11.89
N ALA B 101 3.47 -2.71 -13.04
CA ALA B 101 4.07 -1.38 -13.10
C ALA B 101 3.35 -0.42 -12.18
N LEU B 102 2.01 -0.44 -12.19
CA LEU B 102 1.26 0.55 -11.44
C LEU B 102 1.22 0.23 -9.95
N GLN B 103 0.92 -1.01 -9.59
CA GLN B 103 0.61 -1.34 -8.20
C GLN B 103 1.84 -1.75 -7.40
N TYR B 104 2.88 -2.20 -8.10
CA TYR B 104 4.13 -2.62 -7.43
C TYR B 104 5.31 -1.80 -7.92
N SER B 105 5.11 -0.88 -8.87
CA SER B 105 6.20 -0.01 -9.37
C SER B 105 7.29 -0.83 -10.05
N ASP B 106 6.97 -1.96 -10.66
CA ASP B 106 7.98 -2.81 -11.30
C ASP B 106 8.56 -2.14 -12.54
N ASN B 107 9.90 -2.02 -12.57
CA ASN B 107 10.58 -1.34 -13.66
C ASN B 107 10.72 -2.20 -14.92
N THR B 108 10.88 -3.53 -14.78
CA THR B 108 10.89 -4.38 -15.97
C THR B 108 9.54 -4.31 -16.65
N ALA B 109 8.46 -4.33 -15.85
CA ALA B 109 7.13 -4.20 -16.41
C ALA B 109 6.96 -2.89 -17.16
N MET B 110 7.40 -1.78 -16.56
CA MET B 110 7.37 -0.50 -17.27
C MET B 110 8.13 -0.56 -18.59
N ASN B 111 9.31 -1.18 -18.61
CA ASN B 111 10.03 -1.27 -19.87
C ASN B 111 9.25 -2.03 -20.92
N LYS B 112 8.51 -3.08 -20.54
CA LYS B 112 7.68 -3.78 -21.52
C LYS B 112 6.55 -2.91 -22.04
N LEU B 113 5.95 -2.07 -21.18
CA LEU B 113 4.93 -1.14 -21.66
C LEU B 113 5.53 -0.15 -22.65
N ILE B 114 6.70 0.40 -22.31
CA ILE B 114 7.37 1.35 -23.21
C ILE B 114 7.66 0.69 -24.55
N ALA B 115 8.17 -0.55 -24.52
CA ALA B 115 8.48 -1.25 -25.76
C ALA B 115 7.22 -1.50 -26.59
N GLN B 116 6.12 -1.89 -25.94
CA GLN B 116 4.86 -2.08 -26.66
C GLN B 116 4.46 -0.81 -27.42
N LEU B 117 4.74 0.36 -26.84
CA LEU B 117 4.40 1.65 -27.41
C LEU B 117 5.42 2.17 -28.41
N GLY B 118 6.48 1.38 -28.68
CA GLY B 118 7.50 1.75 -29.64
C GLY B 118 8.64 2.58 -29.10
N GLY B 119 8.77 2.67 -27.78
CA GLY B 119 9.80 3.43 -27.14
C GLY B 119 9.23 4.59 -26.36
N PRO B 120 10.09 5.32 -25.64
CA PRO B 120 9.60 6.44 -24.81
C PRO B 120 8.77 7.43 -25.60
N GLY B 121 9.15 7.69 -26.84
CA GLY B 121 8.39 8.62 -27.66
C GLY B 121 6.96 8.20 -27.91
N GLY B 122 6.67 6.90 -27.85
CA GLY B 122 5.29 6.45 -27.97
C GLY B 122 4.44 6.85 -26.77
N VAL B 123 5.05 6.94 -25.60
CA VAL B 123 4.35 7.43 -24.43
C VAL B 123 4.07 8.92 -24.59
N THR B 124 5.08 9.69 -25.00
CA THR B 124 4.87 11.11 -25.27
C THR B 124 3.78 11.32 -26.31
N ALA B 125 3.78 10.50 -27.37
CA ALA B 125 2.77 10.67 -28.42
C ALA B 125 1.36 10.47 -27.87
N PHE B 126 1.18 9.49 -26.98
CA PHE B 126 -0.11 9.32 -26.33
C PHE B 126 -0.50 10.55 -25.52
N ALA B 127 0.45 11.10 -24.75
CA ALA B 127 0.17 12.33 -24.01
C ALA B 127 -0.34 13.42 -24.94
N ARG B 128 0.35 13.63 -26.06
CA ARG B 128 -0.10 14.64 -27.01
C ARG B 128 -1.49 14.33 -27.54
N ALA B 129 -1.79 13.05 -27.79
CA ALA B 129 -3.07 12.65 -28.32
C ALA B 129 -4.22 12.91 -27.36
N ILE B 130 -3.94 13.04 -26.06
CA ILE B 130 -4.97 13.34 -25.08
C ILE B 130 -4.87 14.77 -24.55
N GLY B 131 -4.12 15.62 -25.25
CA GLY B 131 -4.15 17.04 -24.99
C GLY B 131 -3.07 17.56 -24.07
N ASP B 132 -2.11 16.72 -23.69
CA ASP B 132 -1.04 17.12 -22.79
C ASP B 132 0.17 17.48 -23.64
N GLU B 133 0.46 18.78 -23.72
N GLU B 133 0.47 18.77 -23.73
CA GLU B 133 1.54 19.33 -24.52
CA GLU B 133 1.56 19.29 -24.53
C GLU B 133 2.82 19.55 -23.72
C GLU B 133 2.87 19.42 -23.75
N THR B 134 2.86 19.06 -22.48
CA THR B 134 3.96 19.30 -21.56
C THR B 134 4.75 18.05 -21.19
N PHE B 135 4.05 16.96 -20.90
CA PHE B 135 4.68 15.68 -20.56
C PHE B 135 5.70 15.28 -21.60
N ARG B 136 6.82 14.72 -21.15
CA ARG B 136 7.74 14.04 -22.05
C ARG B 136 8.38 12.85 -21.35
N LEU B 137 8.39 11.71 -22.04
CA LEU B 137 9.19 10.57 -21.65
C LEU B 137 10.28 10.38 -22.69
N ASP B 138 11.52 10.29 -22.20
CA ASP B 138 12.72 10.29 -23.04
C ASP B 138 13.54 9.01 -22.91
N ARG B 139 13.49 8.36 -21.75
CA ARG B 139 14.34 7.23 -21.45
C ARG B 139 13.51 6.07 -20.91
N THR B 140 14.15 4.91 -20.89
CA THR B 140 13.62 3.70 -20.28
C THR B 140 14.05 3.63 -18.82
N GLU B 141 13.59 2.57 -18.14
CA GLU B 141 14.08 2.27 -16.79
C GLU B 141 15.43 1.58 -16.91
N PRO B 142 16.40 1.91 -16.04
CA PRO B 142 16.26 2.77 -14.86
C PRO B 142 16.64 4.23 -15.08
N THR B 143 17.19 4.58 -16.24
CA THR B 143 17.82 5.90 -16.37
C THR B 143 16.82 7.05 -16.38
N LEU B 144 15.52 6.80 -16.57
CA LEU B 144 14.58 7.91 -16.54
C LEU B 144 14.45 8.55 -15.16
N ASN B 145 15.07 7.99 -14.12
CA ASN B 145 14.98 8.49 -12.76
C ASN B 145 16.21 9.29 -12.29
N THR B 146 17.10 9.69 -13.19
CA THR B 146 18.30 10.42 -12.76
C THR B 146 17.98 11.76 -12.11
N ALA B 147 16.90 12.42 -12.53
CA ALA B 147 16.36 13.59 -11.81
C ALA B 147 17.37 14.72 -11.67
N ILE B 148 18.16 14.95 -12.71
CA ILE B 148 19.21 15.97 -12.63
C ILE B 148 18.59 17.36 -12.68
N PRO B 149 18.93 18.27 -11.77
CA PRO B 149 18.34 19.62 -11.81
C PRO B 149 18.57 20.29 -13.16
N GLY B 150 17.52 20.86 -13.71
CA GLY B 150 17.58 21.55 -14.99
C GLY B 150 17.38 20.68 -16.22
N ASP B 151 17.46 19.36 -16.07
CA ASP B 151 17.34 18.45 -17.20
C ASP B 151 15.86 18.29 -17.56
N PRO B 152 15.43 18.63 -18.78
CA PRO B 152 14.00 18.49 -19.11
C PRO B 152 13.57 17.06 -19.39
N ARG B 153 14.48 16.12 -19.54
CA ARG B 153 14.07 14.77 -19.90
C ARG B 153 13.21 14.16 -18.80
N ASP B 154 12.16 13.44 -19.21
CA ASP B 154 11.35 12.66 -18.29
C ASP B 154 10.73 13.54 -17.22
N THR B 155 10.25 14.72 -17.62
CA THR B 155 9.62 15.67 -16.74
C THR B 155 8.22 16.04 -17.21
N THR B 156 7.47 16.60 -16.28
CA THR B 156 6.25 17.32 -16.59
C THR B 156 6.08 18.40 -15.51
N THR B 157 4.99 19.18 -15.63
CA THR B 157 4.65 20.15 -14.60
C THR B 157 3.51 19.62 -13.74
N PRO B 158 3.40 20.08 -12.49
CA PRO B 158 2.25 19.64 -11.68
C PRO B 158 0.91 19.98 -12.33
N ARG B 159 0.79 21.19 -12.87
CA ARG B 159 -0.47 21.58 -13.50
C ARG B 159 -0.84 20.63 -14.62
N ALA B 160 0.11 20.33 -15.50
CA ALA B 160 -0.18 19.46 -16.63
C ALA B 160 -0.54 18.05 -16.17
N MET B 161 0.18 17.54 -15.17
N MET B 161 0.19 17.52 -15.19
CA MET B 161 -0.07 16.16 -14.76
CA MET B 161 -0.08 16.16 -14.76
C MET B 161 -1.40 16.03 -14.03
C MET B 161 -1.44 16.05 -14.08
N ALA B 162 -1.79 17.04 -13.25
CA ALA B 162 -3.10 16.98 -12.59
C ALA B 162 -4.22 16.99 -13.63
N GLN B 163 -4.09 17.87 -14.64
CA GLN B 163 -5.10 17.94 -15.69
C GLN B 163 -5.19 16.61 -16.43
N THR B 164 -4.04 16.05 -16.81
CA THR B 164 -4.07 14.79 -17.53
C THR B 164 -4.61 13.65 -16.65
N LEU B 165 -4.22 13.60 -15.37
CA LEU B 165 -4.74 12.55 -14.51
C LEU B 165 -6.25 12.67 -14.37
N ARG B 166 -6.76 13.91 -14.30
CA ARG B 166 -8.22 14.09 -14.26
C ARG B 166 -8.82 13.55 -15.56
N GLN B 167 -8.27 13.90 -16.71
CA GLN B 167 -8.85 13.45 -17.99
C GLN B 167 -8.85 11.91 -18.05
N LEU B 168 -7.78 11.26 -17.58
CA LEU B 168 -7.64 9.81 -17.66
C LEU B 168 -8.61 9.09 -16.73
N THR B 169 -8.83 9.61 -15.52
CA THR B 169 -9.53 8.85 -14.49
C THR B 169 -10.98 9.30 -14.28
N LEU B 170 -11.29 10.55 -14.60
CA LEU B 170 -12.61 11.12 -14.38
C LEU B 170 -13.25 11.68 -15.64
N GLY B 171 -12.46 11.93 -16.68
CA GLY B 171 -12.92 12.43 -17.95
C GLY B 171 -12.96 11.32 -18.98
N HIS B 172 -12.74 11.71 -20.24
CA HIS B 172 -12.98 10.84 -21.39
C HIS B 172 -11.78 10.70 -22.30
N ALA B 173 -10.57 10.81 -21.73
CA ALA B 173 -9.38 10.49 -22.50
C ALA B 173 -9.35 9.02 -22.91
N LEU B 174 -9.89 8.14 -22.07
CA LEU B 174 -10.00 6.72 -22.30
C LEU B 174 -11.46 6.34 -22.46
N GLY B 175 -11.68 5.18 -23.10
CA GLY B 175 -13.01 4.60 -23.13
C GLY B 175 -13.46 4.19 -21.75
N GLU B 176 -14.77 3.98 -21.60
CA GLU B 176 -15.34 3.76 -20.26
C GLU B 176 -14.70 2.59 -19.54
N THR B 177 -14.59 1.42 -20.20
CA THR B 177 -14.04 0.24 -19.52
C THR B 177 -12.58 0.47 -19.15
N GLN B 178 -11.85 1.15 -20.02
CA GLN B 178 -10.44 1.40 -19.82
C GLN B 178 -10.21 2.39 -18.69
N ARG B 179 -11.03 3.45 -18.62
CA ARG B 179 -10.97 4.37 -17.50
C ARG B 179 -11.21 3.63 -16.18
N ALA B 180 -12.24 2.79 -16.16
CA ALA B 180 -12.53 2.03 -14.94
C ALA B 180 -11.38 1.11 -14.58
N GLN B 181 -10.74 0.49 -15.57
CA GLN B 181 -9.60 -0.37 -15.29
C GLN B 181 -8.44 0.41 -14.69
N LEU B 182 -8.16 1.60 -15.24
CA LEU B 182 -7.10 2.42 -14.67
C LEU B 182 -7.42 2.80 -13.23
N VAL B 183 -8.65 3.20 -12.97
CA VAL B 183 -9.05 3.56 -11.61
C VAL B 183 -8.92 2.37 -10.67
N THR B 184 -9.38 1.19 -11.10
CA THR B 184 -9.21 -0.03 -10.30
C THR B 184 -7.75 -0.26 -9.96
N TRP B 185 -6.88 -0.12 -10.96
CA TRP B 185 -5.46 -0.35 -10.71
C TRP B 185 -4.92 0.66 -9.70
N LEU B 186 -5.21 1.95 -9.89
CA LEU B 186 -4.71 2.96 -8.96
C LEU B 186 -5.23 2.74 -7.54
N LYS B 187 -6.50 2.36 -7.40
CA LYS B 187 -7.08 2.14 -6.08
C LYS B 187 -6.43 0.96 -5.36
N GLY B 188 -5.90 -0.01 -6.11
CA GLY B 188 -5.22 -1.15 -5.56
C GLY B 188 -3.72 -0.98 -5.40
N ASN B 189 -3.21 0.22 -5.57
CA ASN B 189 -1.78 0.46 -5.38
C ASN B 189 -1.33 -0.05 -4.01
N THR B 190 -0.14 -0.64 -3.97
CA THR B 190 0.44 -1.10 -2.70
C THR B 190 1.42 -0.13 -2.07
N THR B 191 1.87 0.90 -2.80
CA THR B 191 3.04 1.67 -2.37
C THR B 191 2.71 3.03 -1.74
N GLY B 192 1.44 3.37 -1.56
CA GLY B 192 1.05 4.75 -1.34
C GLY B 192 0.72 5.22 0.07
N ALA B 193 0.72 4.34 1.07
CA ALA B 193 0.15 4.73 2.36
C ALA B 193 0.96 5.78 3.10
N ALA B 194 2.23 5.99 2.76
CA ALA B 194 3.06 6.99 3.44
C ALA B 194 3.06 8.34 2.73
N SER B 195 2.41 8.46 1.58
CA SER B 195 2.52 9.64 0.72
C SER B 195 1.25 10.47 0.82
N ILE B 196 0.61 10.86 -0.28
CA ILE B 196 -0.56 11.74 -0.20
C ILE B 196 -1.57 11.22 0.82
N ARG B 197 -1.89 9.93 0.77
CA ARG B 197 -3.01 9.50 1.58
C ARG B 197 -2.71 9.59 3.07
N ALA B 198 -1.45 9.60 3.48
CA ALA B 198 -1.13 9.76 4.90
C ALA B 198 -1.52 11.14 5.42
N GLY B 199 -1.72 12.12 4.54
CA GLY B 199 -2.15 13.44 4.94
C GLY B 199 -3.63 13.68 4.90
N LEU B 200 -4.43 12.67 4.56
CA LEU B 200 -5.85 12.84 4.35
C LEU B 200 -6.65 12.09 5.41
N PRO B 201 -7.90 12.48 5.63
CA PRO B 201 -8.76 11.73 6.55
C PRO B 201 -8.80 10.25 6.18
N THR B 202 -8.83 9.41 7.21
CA THR B 202 -8.69 7.97 7.02
C THR B 202 -9.92 7.36 6.35
N SER B 203 -11.04 8.07 6.33
CA SER B 203 -12.25 7.56 5.71
C SER B 203 -12.31 7.77 4.20
N TRP B 204 -11.38 8.54 3.64
CA TRP B 204 -11.42 8.85 2.22
C TRP B 204 -10.81 7.72 1.40
N THR B 205 -11.24 7.59 0.16
CA THR B 205 -10.69 6.61 -0.76
C THR B 205 -9.71 7.28 -1.71
N VAL B 206 -8.55 6.64 -1.91
CA VAL B 206 -7.49 7.19 -2.74
C VAL B 206 -7.03 6.13 -3.73
N GLY B 207 -6.75 6.56 -4.96
CA GLY B 207 -5.95 5.79 -5.89
C GLY B 207 -4.74 6.64 -6.26
N ASP B 208 -3.55 6.03 -6.30
CA ASP B 208 -2.37 6.86 -6.51
C ASP B 208 -1.27 6.06 -7.18
N LYS B 209 -0.26 6.81 -7.64
CA LYS B 209 0.99 6.25 -8.16
C LYS B 209 2.14 7.08 -7.59
N THR B 210 3.06 6.41 -6.90
CA THR B 210 4.24 7.02 -6.31
C THR B 210 5.42 7.00 -7.29
N GLY B 211 6.48 7.72 -6.92
CA GLY B 211 7.77 7.53 -7.57
C GLY B 211 8.91 7.99 -6.69
N SER B 212 10.06 7.35 -6.88
N SER B 212 10.04 7.34 -6.88
CA SER B 212 11.29 7.63 -6.15
CA SER B 212 11.29 7.65 -6.20
C SER B 212 12.46 7.71 -7.13
C SER B 212 12.38 7.83 -7.25
N GLY B 213 13.32 8.71 -6.97
CA GLY B 213 14.45 8.84 -7.87
C GLY B 213 15.65 9.45 -7.18
N ASP B 214 16.71 9.67 -7.96
CA ASP B 214 17.88 10.37 -7.44
C ASP B 214 17.48 11.79 -7.04
N TYR B 215 18.42 12.49 -6.40
CA TYR B 215 18.13 13.80 -5.82
C TYR B 215 16.98 13.70 -4.81
N GLY B 216 16.86 12.55 -4.16
CA GLY B 216 15.82 12.37 -3.16
C GLY B 216 14.44 12.66 -3.70
N THR B 217 14.23 12.41 -4.99
CA THR B 217 12.97 12.75 -5.62
C THR B 217 11.89 11.81 -5.08
N THR B 218 10.81 12.41 -4.62
CA THR B 218 9.74 11.72 -3.92
C THR B 218 8.44 12.30 -4.44
N ASN B 219 7.67 11.49 -5.16
CA ASN B 219 6.51 11.97 -5.90
C ASN B 219 5.28 11.12 -5.61
N ASP B 220 4.11 11.71 -5.83
CA ASP B 220 2.86 10.96 -5.77
C ASP B 220 1.82 11.72 -6.58
N ILE B 221 1.04 11.00 -7.35
CA ILE B 221 -0.09 11.57 -8.09
C ILE B 221 -1.32 10.75 -7.73
N ALA B 222 -2.43 11.43 -7.40
CA ALA B 222 -3.56 10.75 -6.81
C ALA B 222 -4.89 11.30 -7.28
N VAL B 223 -5.87 10.41 -7.30
N VAL B 223 -5.87 10.41 -7.30
CA VAL B 223 -7.27 10.76 -7.36
CA VAL B 223 -7.29 10.78 -7.38
C VAL B 223 -7.86 10.41 -6.00
C VAL B 223 -7.94 10.36 -6.07
N ILE B 224 -8.65 11.31 -5.46
CA ILE B 224 -9.12 11.24 -4.08
C ILE B 224 -10.64 11.39 -4.10
N TRP B 225 -11.33 10.47 -3.44
CA TRP B 225 -12.77 10.51 -3.28
C TRP B 225 -13.07 10.81 -1.81
N PRO B 226 -13.24 12.09 -1.45
CA PRO B 226 -13.56 12.41 -0.07
C PRO B 226 -14.98 11.98 0.26
N GLN B 227 -15.26 11.87 1.54
CA GLN B 227 -16.59 11.49 1.95
C GLN B 227 -17.55 12.64 1.67
N GLY B 228 -18.61 12.37 0.91
CA GLY B 228 -19.69 13.31 0.73
C GLY B 228 -19.46 14.43 -0.26
N ARG B 229 -18.43 14.37 -1.08
CA ARG B 229 -18.20 15.43 -2.04
C ARG B 229 -17.46 14.87 -3.24
N ALA B 230 -17.36 15.70 -4.26
CA ALA B 230 -16.80 15.28 -5.53
C ALA B 230 -15.30 15.03 -5.41
N PRO B 231 -14.74 14.27 -6.35
CA PRO B 231 -13.33 13.90 -6.23
C PRO B 231 -12.38 15.07 -6.43
N LEU B 232 -11.18 14.87 -5.90
CA LEU B 232 -10.04 15.75 -6.07
C LEU B 232 -8.99 15.02 -6.88
N VAL B 233 -8.18 15.79 -7.63
CA VAL B 233 -6.98 15.28 -8.25
C VAL B 233 -5.81 16.05 -7.66
N LEU B 234 -4.79 15.35 -7.19
CA LEU B 234 -3.68 16.00 -6.50
C LEU B 234 -2.36 15.42 -6.96
N VAL B 235 -1.47 16.31 -7.39
N VAL B 235 -1.45 16.28 -7.38
CA VAL B 235 -0.09 15.98 -7.74
CA VAL B 235 -0.10 15.85 -7.71
C VAL B 235 0.80 16.64 -6.70
C VAL B 235 0.87 16.61 -6.81
N THR B 236 1.74 15.86 -6.15
CA THR B 236 2.76 16.38 -5.24
C THR B 236 4.11 15.83 -5.70
N TYR B 237 5.00 16.71 -6.12
N TYR B 237 4.96 16.71 -6.22
CA TYR B 237 6.32 16.36 -6.62
CA TYR B 237 6.32 16.36 -6.59
C TYR B 237 7.35 17.06 -5.74
C TYR B 237 7.28 16.99 -5.61
N PHE B 238 8.41 16.33 -5.38
CA PHE B 238 9.40 16.88 -4.46
C PHE B 238 10.78 16.39 -4.87
N THR B 239 11.75 17.32 -4.91
CA THR B 239 13.11 16.94 -5.27
C THR B 239 14.07 17.83 -4.48
N GLN B 240 15.29 17.35 -4.31
CA GLN B 240 16.21 17.89 -3.31
C GLN B 240 17.56 18.22 -3.92
N PRO B 241 18.39 19.00 -3.22
CA PRO B 241 19.62 19.49 -3.86
C PRO B 241 20.72 18.44 -4.00
N GLN B 242 20.76 17.44 -3.14
N GLN B 242 20.80 17.46 -3.12
CA GLN B 242 21.85 16.47 -3.09
CA GLN B 242 21.89 16.49 -3.10
C GLN B 242 21.48 15.22 -3.87
C GLN B 242 21.49 15.24 -3.87
N GLN B 243 22.37 14.78 -4.76
CA GLN B 243 22.08 13.61 -5.59
C GLN B 243 21.70 12.40 -4.74
N ASN B 244 22.34 12.23 -3.58
CA ASN B 244 22.13 11.07 -2.72
C ASN B 244 21.11 11.31 -1.61
N ALA B 245 20.28 12.35 -1.74
CA ALA B 245 19.31 12.66 -0.68
C ALA B 245 18.35 11.49 -0.44
N GLU B 246 17.84 11.43 0.79
CA GLU B 246 16.91 10.40 1.22
C GLU B 246 15.49 10.74 0.81
N SER B 247 14.65 9.70 0.69
N SER B 247 14.65 9.71 0.68
CA SER B 247 13.25 9.90 0.37
CA SER B 247 13.25 9.90 0.38
C SER B 247 12.54 10.66 1.49
C SER B 247 12.57 10.69 1.49
N ARG B 248 11.57 11.49 1.10
CA ARG B 248 10.81 12.32 2.03
C ARG B 248 9.30 12.22 1.76
N ARG B 249 8.75 11.01 1.89
N ARG B 249 8.76 11.00 1.89
CA ARG B 249 7.32 10.85 1.67
CA ARG B 249 7.33 10.81 1.68
C ARG B 249 6.51 11.68 2.65
C ARG B 249 6.51 11.67 2.65
N ASP B 250 7.07 11.95 3.84
CA ASP B 250 6.38 12.80 4.81
C ASP B 250 6.08 14.19 4.27
N VAL B 251 6.94 14.71 3.38
CA VAL B 251 6.68 16.03 2.80
C VAL B 251 5.43 15.99 1.93
N LEU B 252 5.23 14.90 1.19
CA LEU B 252 4.03 14.76 0.37
C LEU B 252 2.79 14.64 1.25
N ALA B 253 2.89 13.86 2.33
CA ALA B 253 1.79 13.76 3.27
C ALA B 253 1.47 15.13 3.86
N SER B 254 2.50 15.90 4.21
CA SER B 254 2.28 17.22 4.80
C SER B 254 1.62 18.17 3.79
N ALA B 255 2.03 18.09 2.52
CA ALA B 255 1.41 18.93 1.50
C ALA B 255 -0.07 18.57 1.34
N ALA B 256 -0.38 17.27 1.32
CA ALA B 256 -1.77 16.84 1.22
C ALA B 256 -2.58 17.29 2.43
N ARG B 257 -1.98 17.26 3.62
CA ARG B 257 -2.66 17.69 4.82
C ARG B 257 -3.01 19.17 4.75
N ILE B 258 -2.08 19.98 4.24
CA ILE B 258 -2.34 21.42 4.05
C ILE B 258 -3.51 21.62 3.11
N ILE B 259 -3.49 20.90 1.98
CA ILE B 259 -4.57 20.98 0.99
C ILE B 259 -5.90 20.58 1.62
N ALA B 260 -5.91 19.52 2.40
CA ALA B 260 -7.16 19.01 3.00
C ALA B 260 -7.69 20.01 4.04
N GLU B 261 -6.85 20.58 4.82
CA GLU B 261 -7.33 21.56 5.79
C GLU B 261 -7.83 22.82 5.10
N GLY B 262 -7.25 23.15 3.94
CA GLY B 262 -7.67 24.30 3.17
C GLY B 262 -8.97 24.14 2.45
N LEU B 263 -9.55 22.94 2.45
CA LEU B 263 -10.87 22.74 1.86
C LEU B 263 -11.93 23.34 2.79
#